data_6B1P
#
_entry.id   6B1P
#
_cell.length_a   203.050
_cell.length_b   44.600
_cell.length_c   54.120
_cell.angle_alpha   90.000
_cell.angle_beta   90.000
_cell.angle_gamma   90.000
#
_symmetry.space_group_name_H-M   'P 21 21 21'
#
loop_
_entity.id
_entity.type
_entity.pdbx_description
1 polymer 'Glutamate--tRNA ligase 1'
2 non-polymer 1,2-ETHANEDIOL
3 water water
#
_entity_poly.entity_id   1
_entity_poly.type   'polypeptide(L)'
_entity_poly.pdbx_seq_one_letter_code
;MAHHHHHHMSLIVTRFAPSPTGYLHIGGLRTAIFNYLFARANQGKFFLRIEDTDLSRNSIEAANAIIEAFKWVGLEYDGE
ILYQSKRFEIYKEYIQKLLDEDKAYYCYMSKDELDALREEQKARKETPRYDNRYRDFKGTPPKGIEPVVRIKVPQNEVIG
FNDGVKGEVKVNTNELDDFIIARSDGTPTYNFVVIVDDALMGITDVIRGDDHLSNTPKQIVLYKALNFKIPNFFHVPMIL
NEEGQKLSKRHGATNVMDYQEMGYLKEALVNFLVRLGWSYQDKEIFSMQELLECFDPKDLNSSPSCFSWHKLNWLNAHYL
KNQSAQKLLELLKPFSFSDLSHLNPAQLDRLLDALKERSQTLKELALKIDEVLIAPVEYEEKVFKKLNQALIMPLLEKFK
LELKEANFNDESALENAMHKIIEEEKIKAGSFMQPLRLALLGKGGGIGLKEALFILGKTESVKRIENFLKN
;
_entity_poly.pdbx_strand_id   A
#
loop_
_chem_comp.id
_chem_comp.type
_chem_comp.name
_chem_comp.formula
EDO non-polymer 1,2-ETHANEDIOL 'C2 H6 O2'
#
# COMPACT_ATOMS: atom_id res chain seq x y z
N SER A 10 -20.83 -17.77 13.08
CA SER A 10 -21.24 -17.82 11.67
C SER A 10 -20.03 -17.92 10.75
N LEU A 11 -20.09 -18.83 9.78
CA LEU A 11 -19.00 -19.04 8.85
C LEU A 11 -19.01 -17.97 7.76
N ILE A 12 -17.85 -17.34 7.54
CA ILE A 12 -17.70 -16.25 6.58
C ILE A 12 -16.61 -16.66 5.59
N VAL A 13 -16.95 -16.65 4.31
CA VAL A 13 -16.01 -17.01 3.24
C VAL A 13 -15.91 -15.82 2.30
N THR A 14 -14.79 -15.11 2.35
CA THR A 14 -14.53 -13.96 1.49
C THR A 14 -13.32 -14.24 0.62
N ARG A 15 -13.10 -13.37 -0.36
CA ARG A 15 -12.01 -13.54 -1.30
C ARG A 15 -11.48 -12.16 -1.68
N PHE A 16 -10.41 -12.17 -2.48
CA PHE A 16 -9.93 -10.97 -3.17
C PHE A 16 -9.66 -11.39 -4.61
N ALA A 17 -10.58 -11.03 -5.50
CA ALA A 17 -10.46 -11.36 -6.92
C ALA A 17 -10.44 -10.07 -7.75
N PRO A 18 -9.30 -9.41 -7.85
CA PRO A 18 -9.26 -8.12 -8.52
C PRO A 18 -9.37 -8.24 -10.04
N SER A 19 -9.88 -7.18 -10.64
CA SER A 19 -9.89 -7.06 -12.08
C SER A 19 -8.45 -6.98 -12.59
N PRO A 20 -8.24 -7.27 -13.88
CA PRO A 20 -6.87 -7.22 -14.43
C PRO A 20 -6.18 -5.89 -14.17
N THR A 21 -5.05 -5.96 -13.48
CA THR A 21 -4.20 -4.80 -13.22
C THR A 21 -2.76 -5.23 -13.41
N GLY A 22 -1.87 -4.23 -13.53
CA GLY A 22 -0.45 -4.51 -13.64
C GLY A 22 0.25 -4.68 -12.31
N TYR A 23 -0.39 -4.25 -11.22
CA TYR A 23 0.20 -4.35 -9.89
C TYR A 23 -0.93 -4.26 -8.87
N LEU A 24 -0.56 -4.24 -7.59
CA LEU A 24 -1.53 -4.13 -6.52
C LEU A 24 -1.72 -2.65 -6.18
N HIS A 25 -2.91 -2.13 -6.45
CA HIS A 25 -3.24 -0.76 -6.11
C HIS A 25 -3.59 -0.65 -4.64
N ILE A 26 -3.32 0.54 -4.06
CA ILE A 26 -3.68 0.74 -2.67
C ILE A 26 -5.18 0.58 -2.48
N GLY A 27 -5.98 1.09 -3.41
CA GLY A 27 -7.42 0.89 -3.32
C GLY A 27 -7.81 -0.57 -3.29
N GLY A 28 -7.14 -1.40 -4.09
CA GLY A 28 -7.38 -2.83 -4.03
C GLY A 28 -6.84 -3.47 -2.76
N LEU A 29 -5.73 -2.94 -2.24
CA LEU A 29 -5.25 -3.41 -0.94
C LEU A 29 -6.26 -3.11 0.15
N ARG A 30 -6.88 -1.92 0.13
CA ARG A 30 -7.89 -1.61 1.13
C ARG A 30 -9.05 -2.61 1.05
N THR A 31 -9.53 -2.89 -0.16
CA THR A 31 -10.61 -3.85 -0.31
C THR A 31 -10.21 -5.23 0.17
N ALA A 32 -8.98 -5.65 -0.14
CA ALA A 32 -8.49 -6.94 0.34
C ALA A 32 -8.39 -6.98 1.85
N ILE A 33 -8.06 -5.85 2.49
CA ILE A 33 -8.01 -5.81 3.96
C ILE A 33 -9.40 -6.01 4.55
N PHE A 34 -10.39 -5.26 4.03
CA PHE A 34 -11.75 -5.42 4.52
C PHE A 34 -12.20 -6.87 4.40
N ASN A 35 -12.07 -7.45 3.20
CA ASN A 35 -12.44 -8.84 3.01
C ASN A 35 -11.61 -9.77 3.91
N TYR A 36 -10.32 -9.50 4.06
CA TYR A 36 -9.49 -10.29 4.98
C TYR A 36 -10.01 -10.17 6.41
N LEU A 37 -10.21 -8.96 6.91
CA LEU A 37 -10.59 -8.77 8.31
C LEU A 37 -11.95 -9.40 8.62
N PHE A 38 -12.88 -9.35 7.67
CA PHE A 38 -14.18 -9.97 7.90
C PHE A 38 -14.04 -11.47 8.12
N ALA A 39 -13.24 -12.14 7.29
CA ALA A 39 -13.04 -13.57 7.48
C ALA A 39 -12.30 -13.88 8.77
N ARG A 40 -11.21 -13.15 9.04
CA ARG A 40 -10.40 -13.46 10.21
C ARG A 40 -11.10 -13.10 11.51
N ALA A 41 -11.92 -12.04 11.53
CA ALA A 41 -12.58 -11.66 12.77
C ALA A 41 -13.58 -12.72 13.22
N ASN A 42 -14.22 -13.40 12.27
CA ASN A 42 -15.17 -14.47 12.56
C ASN A 42 -14.60 -15.85 12.27
N GLN A 43 -13.26 -15.96 12.21
CA GLN A 43 -12.59 -17.24 12.07
C GLN A 43 -13.02 -17.98 10.81
N GLY A 44 -13.16 -17.24 9.72
CA GLY A 44 -13.59 -17.76 8.44
C GLY A 44 -12.43 -18.09 7.52
N LYS A 45 -12.68 -18.02 6.22
CA LYS A 45 -11.66 -18.32 5.23
C LYS A 45 -11.55 -17.16 4.25
N PHE A 46 -10.31 -16.89 3.83
CA PHE A 46 -10.01 -15.79 2.92
C PHE A 46 -9.14 -16.31 1.79
N PHE A 47 -9.57 -16.07 0.55
CA PHE A 47 -8.88 -16.58 -0.61
C PHE A 47 -8.34 -15.43 -1.46
N LEU A 48 -7.40 -15.78 -2.34
CA LEU A 48 -6.86 -14.86 -3.32
C LEU A 48 -7.01 -15.51 -4.68
N ARG A 49 -7.72 -14.83 -5.58
CA ARG A 49 -7.92 -15.31 -6.94
C ARG A 49 -7.29 -14.33 -7.92
N ILE A 50 -6.57 -14.85 -8.89
CA ILE A 50 -5.93 -14.06 -9.94
C ILE A 50 -6.64 -14.38 -11.24
N GLU A 51 -7.14 -13.34 -11.90
CA GLU A 51 -7.92 -13.51 -13.13
C GLU A 51 -7.05 -13.10 -14.32
N ASP A 52 -6.31 -14.06 -14.86
CA ASP A 52 -5.51 -13.86 -16.07
C ASP A 52 -6.35 -14.24 -17.28
N THR A 53 -6.78 -13.23 -18.05
CA THR A 53 -7.61 -13.52 -19.21
C THR A 53 -6.85 -14.28 -20.28
N ASP A 54 -5.52 -14.14 -20.30
CA ASP A 54 -4.67 -14.86 -21.25
C ASP A 54 -3.37 -15.22 -20.58
N LEU A 55 -2.74 -16.29 -21.07
CA LEU A 55 -1.46 -16.75 -20.53
C LEU A 55 -0.28 -16.12 -21.25
N SER A 56 -0.28 -14.79 -21.32
CA SER A 56 0.81 -14.05 -21.96
C SER A 56 1.87 -13.67 -20.94
N ARG A 57 3.02 -13.23 -21.43
CA ARG A 57 4.10 -12.83 -20.54
C ARG A 57 3.75 -11.57 -19.75
N ASN A 58 2.88 -10.72 -20.29
CA ASN A 58 2.51 -9.50 -19.57
C ASN A 58 1.66 -9.82 -18.36
N SER A 59 0.73 -10.78 -18.48
CA SER A 59 -0.16 -11.11 -17.37
C SER A 59 0.54 -11.97 -16.32
N ILE A 60 1.55 -12.73 -16.70
CA ILE A 60 2.27 -13.54 -15.72
C ILE A 60 3.06 -12.65 -14.76
N GLU A 61 3.72 -11.62 -15.30
CA GLU A 61 4.46 -10.70 -14.44
C GLU A 61 3.53 -9.87 -13.56
N ALA A 62 2.33 -9.56 -14.06
CA ALA A 62 1.36 -8.80 -13.25
C ALA A 62 0.87 -9.63 -12.07
N ALA A 63 0.60 -10.93 -12.30
CA ALA A 63 0.20 -11.81 -11.22
C ALA A 63 1.30 -11.92 -10.17
N ASN A 64 2.55 -12.09 -10.60
CA ASN A 64 3.65 -12.16 -9.65
C ASN A 64 3.75 -10.87 -8.84
N ALA A 65 3.48 -9.72 -9.46
CA ALA A 65 3.58 -8.45 -8.76
C ALA A 65 2.50 -8.33 -7.68
N ILE A 66 1.27 -8.77 -7.99
CA ILE A 66 0.22 -8.78 -6.99
C ILE A 66 0.57 -9.72 -5.84
N ILE A 67 1.12 -10.90 -6.16
CA ILE A 67 1.51 -11.85 -5.13
C ILE A 67 2.65 -11.29 -4.30
N GLU A 68 3.59 -10.60 -4.94
CA GLU A 68 4.72 -10.01 -4.24
C GLU A 68 4.26 -9.00 -3.20
N ALA A 69 3.43 -8.05 -3.60
CA ALA A 69 2.91 -7.06 -2.66
C ALA A 69 2.08 -7.70 -1.57
N PHE A 70 1.34 -8.77 -1.89
CA PHE A 70 0.55 -9.46 -0.89
C PHE A 70 1.45 -10.10 0.18
N LYS A 71 2.57 -10.69 -0.25
CA LYS A 71 3.47 -11.30 0.72
C LYS A 71 4.10 -10.24 1.62
N TRP A 72 4.47 -9.09 1.04
CA TRP A 72 5.13 -8.06 1.85
C TRP A 72 4.18 -7.48 2.89
N VAL A 73 2.93 -7.23 2.51
CA VAL A 73 1.97 -6.69 3.47
C VAL A 73 1.70 -7.69 4.59
N GLY A 74 1.63 -8.98 4.25
CA GLY A 74 1.46 -10.02 5.24
C GLY A 74 0.06 -10.60 5.35
N LEU A 75 -0.82 -10.28 4.41
CA LEU A 75 -2.18 -10.83 4.39
C LEU A 75 -2.12 -12.26 3.88
N GLU A 76 -2.14 -13.23 4.79
CA GLU A 76 -2.15 -14.63 4.41
C GLU A 76 -3.54 -15.05 3.96
N TYR A 77 -3.57 -16.00 3.02
CA TYR A 77 -4.81 -16.55 2.49
C TYR A 77 -4.86 -18.05 2.72
N ASP A 78 -6.07 -18.58 2.71
CA ASP A 78 -6.27 -20.01 2.90
C ASP A 78 -6.17 -20.75 1.58
N GLY A 79 -5.74 -22.01 1.66
CA GLY A 79 -5.62 -22.76 0.44
C GLY A 79 -4.57 -22.18 -0.48
N GLU A 80 -4.67 -22.56 -1.74
CA GLU A 80 -3.78 -22.11 -2.79
C GLU A 80 -4.47 -21.07 -3.65
N ILE A 81 -3.67 -20.36 -4.43
CA ILE A 81 -4.18 -19.29 -5.29
C ILE A 81 -4.87 -19.90 -6.50
N LEU A 82 -6.07 -19.43 -6.81
CA LEU A 82 -6.79 -19.88 -7.99
C LEU A 82 -6.51 -18.94 -9.16
N TYR A 83 -6.24 -19.54 -10.33
CA TYR A 83 -5.97 -18.80 -11.54
C TYR A 83 -7.07 -19.05 -12.58
N GLN A 84 -7.35 -18.03 -13.39
CA GLN A 84 -8.36 -18.15 -14.43
C GLN A 84 -7.91 -19.06 -15.56
N SER A 85 -6.60 -19.08 -15.85
CA SER A 85 -6.10 -19.92 -16.95
C SER A 85 -6.18 -21.40 -16.60
N LYS A 86 -6.19 -21.75 -15.32
CA LYS A 86 -6.26 -23.14 -14.90
C LYS A 86 -7.68 -23.67 -14.83
N ARG A 87 -8.68 -22.83 -15.06
CA ARG A 87 -10.09 -23.22 -14.96
C ARG A 87 -10.82 -22.96 -16.27
N PHE A 88 -10.11 -23.11 -17.39
CA PHE A 88 -10.69 -22.75 -18.68
C PHE A 88 -11.91 -23.60 -19.01
N GLU A 89 -11.83 -24.91 -18.77
CA GLU A 89 -12.92 -25.80 -19.15
C GLU A 89 -14.15 -25.61 -18.27
N ILE A 90 -13.97 -25.15 -17.03
CA ILE A 90 -15.10 -24.95 -16.13
C ILE A 90 -16.00 -23.83 -16.65
N TYR A 91 -15.41 -22.69 -17.03
CA TYR A 91 -16.21 -21.57 -17.51
C TYR A 91 -16.92 -21.92 -18.82
N LYS A 92 -16.29 -22.75 -19.66
CA LYS A 92 -16.90 -23.11 -20.94
C LYS A 92 -18.19 -23.89 -20.75
N GLU A 93 -18.22 -24.79 -19.75
CA GLU A 93 -19.37 -25.64 -19.57
C GLU A 93 -20.59 -24.86 -19.07
N TYR A 94 -20.39 -23.90 -18.16
CA TYR A 94 -21.52 -23.09 -17.74
C TYR A 94 -22.03 -22.20 -18.87
N ILE A 95 -21.12 -21.67 -19.71
CA ILE A 95 -21.54 -20.90 -20.88
C ILE A 95 -22.34 -21.78 -21.83
N GLN A 96 -21.91 -23.03 -22.03
CA GLN A 96 -22.67 -23.94 -22.87
C GLN A 96 -24.01 -24.28 -22.23
N LYS A 97 -24.04 -24.41 -20.90
CA LYS A 97 -25.29 -24.74 -20.23
C LYS A 97 -26.34 -23.66 -20.46
N LEU A 98 -25.95 -22.38 -20.31
CA LEU A 98 -26.88 -21.29 -20.54
C LEU A 98 -27.35 -21.24 -21.99
N LEU A 99 -26.49 -21.61 -22.93
CA LEU A 99 -26.91 -21.71 -24.33
C LEU A 99 -27.96 -22.81 -24.50
N ASP A 100 -27.68 -24.01 -23.98
CA ASP A 100 -28.59 -25.14 -24.15
C ASP A 100 -29.94 -24.88 -23.47
N GLU A 101 -29.97 -24.03 -22.45
CA GLU A 101 -31.22 -23.65 -21.81
C GLU A 101 -31.85 -22.42 -22.46
N ASP A 102 -31.24 -21.89 -23.51
CA ASP A 102 -31.69 -20.67 -24.17
C ASP A 102 -31.76 -19.49 -23.20
N LYS A 103 -30.90 -19.49 -22.18
CA LYS A 103 -30.71 -18.29 -21.37
C LYS A 103 -29.60 -17.40 -21.93
N ALA A 104 -28.77 -17.95 -22.82
CA ALA A 104 -27.78 -17.17 -23.54
C ALA A 104 -27.95 -17.44 -25.03
N TYR A 105 -27.46 -16.52 -25.85
CA TYR A 105 -27.62 -16.72 -27.28
C TYR A 105 -26.43 -16.12 -28.02
N TYR A 106 -26.28 -16.53 -29.27
CA TYR A 106 -25.22 -16.03 -30.12
C TYR A 106 -25.65 -14.74 -30.79
N CYS A 107 -24.74 -13.77 -30.84
CA CYS A 107 -25.02 -12.48 -31.47
C CYS A 107 -23.93 -12.17 -32.47
N TYR A 108 -24.35 -11.77 -33.67
CA TYR A 108 -23.46 -11.38 -34.75
C TYR A 108 -23.50 -9.88 -35.06
N MET A 109 -24.35 -9.11 -34.38
CA MET A 109 -24.44 -7.69 -34.63
C MET A 109 -23.30 -6.94 -33.94
N SER A 110 -22.93 -5.80 -34.51
CA SER A 110 -21.97 -4.93 -33.88
C SER A 110 -22.64 -4.08 -32.81
N LYS A 111 -21.82 -3.49 -31.94
CA LYS A 111 -22.37 -2.65 -30.88
C LYS A 111 -23.15 -1.46 -31.46
N ASP A 112 -22.68 -0.89 -32.57
CA ASP A 112 -23.39 0.24 -33.18
C ASP A 112 -24.74 -0.18 -33.74
N GLU A 113 -24.87 -1.40 -34.25
CA GLU A 113 -26.17 -1.87 -34.69
C GLU A 113 -27.12 -2.05 -33.51
N LEU A 114 -26.61 -2.64 -32.42
CA LEU A 114 -27.45 -2.86 -31.25
C LEU A 114 -27.85 -1.55 -30.58
N ASP A 115 -26.95 -0.56 -30.56
CA ASP A 115 -27.29 0.71 -29.92
C ASP A 115 -28.45 1.39 -30.62
N ALA A 116 -28.54 1.26 -31.95
CA ALA A 116 -29.66 1.82 -32.69
C ALA A 116 -30.93 0.99 -32.53
N LEU A 117 -30.79 -0.34 -32.44
CA LEU A 117 -31.97 -1.17 -32.29
C LEU A 117 -32.52 -1.11 -30.87
N ARG A 118 -31.67 -0.92 -29.87
CA ARG A 118 -32.12 -0.80 -28.50
C ARG A 118 -32.80 0.54 -28.22
N GLU A 119 -32.59 1.53 -29.09
CA GLU A 119 -33.23 2.83 -28.97
C GLU A 119 -34.47 2.97 -29.85
N GLU A 120 -34.85 1.92 -30.57
CA GLU A 120 -36.01 1.97 -31.45
C GLU A 120 -36.99 0.86 -31.12
N PRO A 141 -28.66 -18.15 -40.96
CA PRO A 141 -27.33 -18.76 -40.91
C PRO A 141 -26.21 -17.80 -41.34
N PRO A 142 -25.69 -17.02 -40.40
CA PRO A 142 -24.58 -16.10 -40.75
C PRO A 142 -23.33 -16.87 -41.14
N LYS A 143 -22.54 -16.26 -42.02
CA LYS A 143 -21.36 -16.91 -42.60
C LYS A 143 -20.13 -16.07 -42.31
N GLY A 144 -19.13 -16.67 -41.66
CA GLY A 144 -17.86 -16.02 -41.44
C GLY A 144 -17.69 -15.36 -40.09
N ILE A 145 -18.60 -14.43 -39.75
CA ILE A 145 -18.47 -13.63 -38.54
C ILE A 145 -18.59 -14.52 -37.32
N GLU A 146 -17.54 -14.54 -36.50
CA GLU A 146 -17.58 -15.29 -35.24
C GLU A 146 -18.44 -14.56 -34.23
N PRO A 147 -19.51 -15.17 -33.72
CA PRO A 147 -20.43 -14.46 -32.83
C PRO A 147 -19.89 -14.39 -31.41
N VAL A 148 -20.53 -13.53 -30.62
CA VAL A 148 -20.32 -13.48 -29.18
C VAL A 148 -21.56 -14.07 -28.51
N VAL A 149 -21.42 -14.40 -27.23
CA VAL A 149 -22.50 -14.95 -26.41
C VAL A 149 -22.99 -13.84 -25.49
N ARG A 150 -24.29 -13.57 -25.52
CA ARG A 150 -24.88 -12.57 -24.64
C ARG A 150 -25.92 -13.23 -23.75
N ILE A 151 -26.04 -12.73 -22.52
CA ILE A 151 -27.04 -13.25 -21.60
C ILE A 151 -28.36 -12.55 -21.86
N LYS A 152 -29.45 -13.31 -21.74
CA LYS A 152 -30.80 -12.79 -21.93
C LYS A 152 -31.28 -12.24 -20.60
N VAL A 153 -31.34 -10.91 -20.50
CA VAL A 153 -31.78 -10.24 -19.28
C VAL A 153 -33.30 -10.17 -19.26
N PRO A 154 -33.96 -10.86 -18.32
CA PRO A 154 -35.44 -10.79 -18.24
C PRO A 154 -35.95 -9.36 -18.06
N GLN A 155 -36.63 -8.83 -19.06
CA GLN A 155 -37.11 -7.45 -18.97
C GLN A 155 -38.29 -7.36 -18.01
N ASN A 156 -38.63 -6.11 -17.66
CA ASN A 156 -39.78 -5.78 -16.82
C ASN A 156 -39.69 -6.45 -15.45
N GLU A 157 -38.49 -6.40 -14.87
CA GLU A 157 -38.27 -6.92 -13.53
C GLU A 157 -37.41 -5.93 -12.74
N VAL A 158 -37.44 -6.08 -11.43
CA VAL A 158 -36.71 -5.22 -10.51
C VAL A 158 -35.66 -6.07 -9.81
N ILE A 159 -34.39 -5.74 -10.02
CA ILE A 159 -33.29 -6.40 -9.34
C ILE A 159 -32.97 -5.61 -8.08
N GLY A 160 -33.08 -6.25 -6.94
CA GLY A 160 -32.81 -5.59 -5.68
C GLY A 160 -31.88 -6.41 -4.81
N PHE A 161 -31.09 -5.70 -4.00
CA PHE A 161 -30.26 -6.36 -3.00
C PHE A 161 -30.06 -5.39 -1.86
N ASN A 162 -30.03 -5.91 -0.64
CA ASN A 162 -29.84 -5.09 0.55
C ASN A 162 -28.34 -5.00 0.79
N ASP A 163 -27.74 -3.88 0.41
CA ASP A 163 -26.31 -3.71 0.62
C ASP A 163 -26.04 -3.35 2.07
N GLY A 164 -24.95 -3.89 2.60
CA GLY A 164 -24.63 -3.67 3.99
C GLY A 164 -24.20 -2.25 4.34
N VAL A 165 -23.96 -1.41 3.33
CA VAL A 165 -23.53 -0.04 3.53
C VAL A 165 -24.53 0.96 2.96
N LYS A 166 -25.01 0.70 1.74
CA LYS A 166 -25.95 1.60 1.09
C LYS A 166 -27.41 1.29 1.39
N GLY A 167 -27.69 0.10 1.91
CA GLY A 167 -29.07 -0.31 2.14
C GLY A 167 -29.69 -0.98 0.93
N GLU A 168 -31.00 -0.79 0.75
CA GLU A 168 -31.69 -1.42 -0.36
C GLU A 168 -31.36 -0.71 -1.66
N VAL A 169 -30.86 -1.47 -2.64
CA VAL A 169 -30.52 -0.95 -3.96
C VAL A 169 -31.39 -1.66 -4.98
N LYS A 170 -32.21 -0.89 -5.71
CA LYS A 170 -33.10 -1.43 -6.72
C LYS A 170 -32.72 -0.87 -8.09
N VAL A 171 -32.90 -1.69 -9.11
CA VAL A 171 -32.63 -1.29 -10.49
C VAL A 171 -33.57 -2.06 -11.41
N ASN A 172 -34.17 -1.36 -12.36
CA ASN A 172 -35.02 -2.00 -13.35
C ASN A 172 -34.18 -2.74 -14.37
N THR A 173 -34.62 -3.96 -14.71
CA THR A 173 -33.91 -4.72 -15.74
C THR A 173 -33.96 -4.05 -17.10
N ASN A 174 -34.96 -3.19 -17.33
CA ASN A 174 -35.02 -2.45 -18.58
C ASN A 174 -33.86 -1.47 -18.73
N GLU A 175 -33.16 -1.17 -17.64
CA GLU A 175 -31.94 -0.36 -17.73
C GLU A 175 -30.69 -1.22 -17.92
N LEU A 176 -30.84 -2.53 -18.10
CA LEU A 176 -29.73 -3.44 -18.37
C LEU A 176 -29.95 -4.12 -19.70
N ASP A 177 -29.01 -3.95 -20.62
CA ASP A 177 -29.09 -4.61 -21.91
C ASP A 177 -28.49 -6.01 -21.82
N ASP A 178 -28.65 -6.78 -22.90
CA ASP A 178 -28.07 -8.12 -22.97
C ASP A 178 -26.56 -7.99 -23.08
N PHE A 179 -25.86 -8.11 -21.95
CA PHE A 179 -24.43 -7.94 -21.97
C PHE A 179 -23.71 -9.23 -22.35
N ILE A 180 -22.46 -9.07 -22.76
CA ILE A 180 -21.64 -10.17 -23.25
C ILE A 180 -21.11 -10.98 -22.08
N ILE A 181 -21.24 -12.30 -22.16
CA ILE A 181 -20.60 -13.19 -21.21
C ILE A 181 -19.45 -13.97 -21.83
N ALA A 182 -19.38 -14.07 -23.15
CA ALA A 182 -18.27 -14.76 -23.80
C ALA A 182 -17.92 -14.05 -25.10
N ARG A 183 -16.63 -13.81 -25.31
CA ARG A 183 -16.19 -13.10 -26.49
C ARG A 183 -16.29 -13.99 -27.71
N SER A 184 -15.90 -13.44 -28.86
CA SER A 184 -15.98 -14.19 -30.11
C SER A 184 -14.98 -15.34 -30.16
N ASP A 185 -13.94 -15.31 -29.34
CA ASP A 185 -13.02 -16.45 -29.27
C ASP A 185 -13.40 -17.43 -28.18
N GLY A 186 -14.52 -17.21 -27.49
CA GLY A 186 -15.00 -18.10 -26.47
C GLY A 186 -14.55 -17.78 -25.06
N THR A 187 -13.70 -16.77 -24.90
CA THR A 187 -13.17 -16.45 -23.58
C THR A 187 -14.23 -15.74 -22.75
N PRO A 188 -14.51 -16.19 -21.53
CA PRO A 188 -15.53 -15.54 -20.71
C PRO A 188 -15.07 -14.17 -20.21
N THR A 189 -16.06 -13.31 -19.95
CA THR A 189 -15.79 -11.96 -19.46
C THR A 189 -15.42 -12.00 -17.97
N TYR A 190 -15.06 -10.83 -17.45
CA TYR A 190 -14.69 -10.72 -16.04
C TYR A 190 -15.87 -11.03 -15.12
N ASN A 191 -17.06 -10.52 -15.44
CA ASN A 191 -18.19 -10.72 -14.55
C ASN A 191 -18.61 -12.18 -14.49
N PHE A 192 -18.44 -12.92 -15.59
CA PHE A 192 -18.82 -14.33 -15.60
C PHE A 192 -17.84 -15.18 -14.80
N VAL A 193 -16.54 -14.86 -14.89
CA VAL A 193 -15.52 -15.60 -14.15
C VAL A 193 -15.65 -15.36 -12.65
N VAL A 194 -16.03 -14.15 -12.25
CA VAL A 194 -16.19 -13.85 -10.82
C VAL A 194 -17.32 -14.66 -10.22
N ILE A 195 -18.49 -14.67 -10.86
CA ILE A 195 -19.65 -15.27 -10.23
C ILE A 195 -19.54 -16.79 -10.22
N VAL A 196 -18.93 -17.37 -11.26
CA VAL A 196 -18.69 -18.82 -11.25
C VAL A 196 -17.72 -19.20 -10.14
N ASP A 197 -16.60 -18.50 -10.04
CA ASP A 197 -15.66 -18.83 -8.98
C ASP A 197 -16.23 -18.53 -7.59
N ASP A 198 -17.06 -17.50 -7.47
CA ASP A 198 -17.66 -17.20 -6.18
C ASP A 198 -18.63 -18.29 -5.74
N ALA A 199 -19.37 -18.88 -6.68
CA ALA A 199 -20.31 -19.95 -6.33
C ALA A 199 -19.57 -21.25 -6.04
N LEU A 200 -18.54 -21.56 -6.81
CA LEU A 200 -17.81 -22.81 -6.59
C LEU A 200 -17.00 -22.76 -5.30
N MET A 201 -16.55 -21.58 -4.88
CA MET A 201 -15.81 -21.43 -3.63
C MET A 201 -16.69 -21.21 -2.41
N GLY A 202 -18.00 -21.05 -2.59
CA GLY A 202 -18.90 -20.78 -1.48
C GLY A 202 -18.77 -19.41 -0.86
N ILE A 203 -18.41 -18.39 -1.64
CA ILE A 203 -18.29 -17.02 -1.15
C ILE A 203 -19.60 -16.56 -0.54
N THR A 204 -19.57 -16.09 0.71
CA THR A 204 -20.77 -15.67 1.41
C THR A 204 -20.94 -14.16 1.47
N ASP A 205 -19.85 -13.40 1.46
CA ASP A 205 -19.91 -11.95 1.52
C ASP A 205 -18.87 -11.37 0.56
N VAL A 206 -19.18 -10.20 0.02
CA VAL A 206 -18.29 -9.49 -0.90
C VAL A 206 -18.28 -8.03 -0.47
N ILE A 207 -17.12 -7.53 -0.06
CA ILE A 207 -16.93 -6.12 0.28
C ILE A 207 -16.25 -5.45 -0.90
N ARG A 208 -16.94 -4.50 -1.51
CA ARG A 208 -16.56 -3.94 -2.80
C ARG A 208 -16.52 -2.42 -2.72
N GLY A 209 -15.82 -1.80 -3.67
CA GLY A 209 -15.87 -0.36 -3.80
C GLY A 209 -17.03 0.11 -4.66
N ASP A 210 -17.48 1.35 -4.42
CA ASP A 210 -18.57 1.95 -5.18
C ASP A 210 -18.27 2.07 -6.66
N ASP A 211 -17.01 1.93 -7.06
CA ASP A 211 -16.66 1.96 -8.48
C ASP A 211 -17.38 0.86 -9.24
N HIS A 212 -17.38 -0.37 -8.70
CA HIS A 212 -18.00 -1.51 -9.35
C HIS A 212 -19.45 -1.72 -8.92
N LEU A 213 -20.16 -0.65 -8.58
CA LEU A 213 -21.55 -0.79 -8.15
C LEU A 213 -22.45 -1.20 -9.32
N SER A 214 -22.13 -0.77 -10.53
CA SER A 214 -22.95 -1.10 -11.70
C SER A 214 -22.77 -2.55 -12.15
N ASN A 215 -21.63 -3.18 -11.83
CA ASN A 215 -21.42 -4.58 -12.18
C ASN A 215 -22.23 -5.52 -11.30
N THR A 216 -22.70 -5.05 -10.13
CA THR A 216 -23.41 -5.93 -9.22
C THR A 216 -24.75 -6.39 -9.79
N PRO A 217 -25.63 -5.51 -10.31
CA PRO A 217 -26.85 -6.03 -10.94
C PRO A 217 -26.57 -7.02 -12.04
N LYS A 218 -25.55 -6.77 -12.86
CA LYS A 218 -25.20 -7.72 -13.92
C LYS A 218 -24.77 -9.06 -13.33
N GLN A 219 -24.02 -9.05 -12.22
CA GLN A 219 -23.65 -10.30 -11.57
C GLN A 219 -24.86 -11.01 -11.00
N ILE A 220 -25.81 -10.24 -10.46
CA ILE A 220 -27.02 -10.85 -9.93
C ILE A 220 -27.77 -11.60 -11.03
N VAL A 221 -27.84 -11.02 -12.23
CA VAL A 221 -28.47 -11.72 -13.35
C VAL A 221 -27.79 -13.06 -13.59
N LEU A 222 -26.46 -13.05 -13.72
CA LEU A 222 -25.73 -14.31 -13.90
C LEU A 222 -26.01 -15.29 -12.76
N TYR A 223 -26.05 -14.80 -11.52
CA TYR A 223 -26.29 -15.69 -10.38
C TYR A 223 -27.63 -16.40 -10.53
N LYS A 224 -28.70 -15.63 -10.74
CA LYS A 224 -30.03 -16.22 -10.84
C LYS A 224 -30.16 -17.15 -12.04
N ALA A 225 -29.56 -16.75 -13.18
CA ALA A 225 -29.62 -17.58 -14.37
C ALA A 225 -29.01 -18.95 -14.14
N LEU A 226 -27.94 -19.03 -13.35
CA LEU A 226 -27.28 -20.30 -13.08
C LEU A 226 -27.77 -20.95 -11.80
N ASN A 227 -28.81 -20.39 -11.17
CA ASN A 227 -29.35 -20.92 -9.92
C ASN A 227 -28.25 -21.02 -8.85
N PHE A 228 -27.49 -19.94 -8.71
CA PHE A 228 -26.43 -19.84 -7.71
C PHE A 228 -26.89 -18.95 -6.55
N LYS A 229 -26.33 -19.19 -5.37
CA LYS A 229 -26.63 -18.36 -4.22
C LYS A 229 -25.95 -17.00 -4.36
N ILE A 230 -26.69 -15.95 -4.04
CA ILE A 230 -26.19 -14.57 -4.15
C ILE A 230 -25.58 -14.19 -2.81
N PRO A 231 -24.27 -13.96 -2.73
CA PRO A 231 -23.67 -13.54 -1.46
C PRO A 231 -24.11 -12.14 -1.10
N ASN A 232 -23.83 -11.76 0.14
CA ASN A 232 -24.11 -10.41 0.60
C ASN A 232 -23.08 -9.44 0.03
N PHE A 233 -23.51 -8.21 -0.20
CA PHE A 233 -22.65 -7.18 -0.76
C PHE A 233 -22.49 -6.01 0.22
N PHE A 234 -21.28 -5.46 0.26
CA PHE A 234 -20.97 -4.25 1.00
C PHE A 234 -20.22 -3.33 0.05
N HIS A 235 -20.80 -2.18 -0.28
CA HIS A 235 -20.20 -1.25 -1.22
C HIS A 235 -19.72 -0.01 -0.46
N VAL A 236 -18.40 0.16 -0.42
CA VAL A 236 -17.78 1.25 0.34
C VAL A 236 -17.45 2.38 -0.62
N PRO A 237 -17.49 3.64 -0.18
CA PRO A 237 -17.09 4.73 -1.07
C PRO A 237 -15.63 4.60 -1.49
N MET A 238 -15.31 5.15 -2.65
CA MET A 238 -13.94 5.14 -3.11
C MET A 238 -13.09 6.13 -2.32
N ILE A 239 -11.79 5.86 -2.28
CA ILE A 239 -10.85 6.76 -1.62
C ILE A 239 -10.71 8.04 -2.43
N LEU A 240 -10.72 9.17 -1.74
CA LEU A 240 -10.53 10.48 -2.35
C LEU A 240 -9.13 11.00 -2.01
N ASN A 241 -8.65 11.92 -2.85
CA ASN A 241 -7.36 12.55 -2.64
C ASN A 241 -7.53 13.74 -1.69
N GLU A 242 -6.56 14.67 -1.70
CA GLU A 242 -6.61 15.83 -0.82
C GLU A 242 -7.61 16.87 -1.30
N GLU A 243 -7.89 16.92 -2.61
CA GLU A 243 -8.82 17.89 -3.17
C GLU A 243 -10.20 17.30 -3.43
N GLY A 244 -10.48 16.11 -2.89
CA GLY A 244 -11.78 15.50 -3.07
C GLY A 244 -11.98 14.77 -4.39
N GLN A 245 -10.97 14.75 -5.25
CA GLN A 245 -11.05 14.00 -6.50
C GLN A 245 -10.85 12.52 -6.25
N LYS A 246 -11.26 11.71 -7.21
CA LYS A 246 -11.09 10.26 -7.13
C LYS A 246 -9.60 9.91 -7.18
N LEU A 247 -9.20 9.01 -6.29
CA LEU A 247 -7.81 8.57 -6.23
C LEU A 247 -7.45 7.79 -7.49
N SER A 248 -6.50 8.29 -8.27
CA SER A 248 -6.09 7.67 -9.52
C SER A 248 -4.59 7.86 -9.74
N LYS A 249 -4.09 7.32 -10.86
CA LYS A 249 -2.68 7.41 -11.21
C LYS A 249 -2.18 8.84 -11.38
N ARG A 250 -3.07 9.82 -11.51
CA ARG A 250 -2.65 11.22 -11.58
C ARG A 250 -2.08 11.72 -10.26
N HIS A 251 -2.37 11.04 -9.15
CA HIS A 251 -1.77 11.44 -7.87
C HIS A 251 -0.30 11.05 -7.83
N GLY A 252 0.02 9.85 -8.29
CA GLY A 252 1.41 9.41 -8.41
C GLY A 252 1.88 8.42 -7.38
N ALA A 253 0.98 7.81 -6.61
CA ALA A 253 1.37 6.87 -5.58
C ALA A 253 0.20 5.90 -5.33
N THR A 254 -0.01 5.00 -6.29
CA THR A 254 -1.04 3.98 -6.14
C THR A 254 -0.48 2.56 -6.05
N ASN A 255 0.79 2.35 -6.40
CA ASN A 255 1.40 1.03 -6.30
C ASN A 255 1.88 0.78 -4.88
N VAL A 256 1.45 -0.35 -4.30
CA VAL A 256 1.76 -0.64 -2.90
C VAL A 256 3.26 -0.78 -2.69
N MET A 257 3.97 -1.36 -3.67
CA MET A 257 5.41 -1.52 -3.50
C MET A 257 6.16 -0.21 -3.62
N ASP A 258 5.54 0.84 -4.15
CA ASP A 258 6.16 2.16 -4.09
C ASP A 258 6.24 2.66 -2.65
N TYR A 259 5.24 2.34 -1.83
CA TYR A 259 5.29 2.75 -0.44
C TYR A 259 6.39 2.02 0.31
N GLN A 260 6.65 0.77 -0.05
CA GLN A 260 7.81 0.07 0.50
C GLN A 260 9.11 0.77 0.12
N GLU A 261 9.24 1.20 -1.14
CA GLU A 261 10.47 1.87 -1.53
C GLU A 261 10.57 3.26 -0.89
N MET A 262 9.44 3.88 -0.56
CA MET A 262 9.42 5.17 0.11
C MET A 262 9.82 5.10 1.58
N GLY A 263 9.84 3.91 2.17
CA GLY A 263 10.22 3.75 3.55
C GLY A 263 9.08 3.60 4.55
N TYR A 264 7.92 3.15 4.11
CA TYR A 264 6.78 2.97 4.99
C TYR A 264 6.73 1.52 5.48
N LEU A 265 6.44 1.34 6.76
CA LEU A 265 6.32 -0.01 7.32
C LEU A 265 5.00 -0.63 6.91
N LYS A 266 5.00 -1.96 6.79
CA LYS A 266 3.79 -2.67 6.39
C LYS A 266 2.67 -2.48 7.41
N GLU A 267 3.02 -2.43 8.70
CA GLU A 267 2.00 -2.23 9.73
C GLU A 267 1.36 -0.85 9.64
N ALA A 268 2.14 0.16 9.26
CA ALA A 268 1.58 1.51 9.17
C ALA A 268 0.72 1.66 7.93
N LEU A 269 1.07 0.98 6.85
CA LEU A 269 0.28 1.06 5.63
C LEU A 269 -1.09 0.41 5.84
N VAL A 270 -1.14 -0.70 6.56
CA VAL A 270 -2.43 -1.36 6.84
C VAL A 270 -3.27 -0.51 7.77
N ASN A 271 -2.66 0.03 8.83
CA ASN A 271 -3.39 0.88 9.76
C ASN A 271 -3.95 2.11 9.05
N PHE A 272 -3.23 2.63 8.06
CA PHE A 272 -3.69 3.81 7.34
C PHE A 272 -4.91 3.50 6.47
N LEU A 273 -4.83 2.42 5.69
CA LEU A 273 -5.88 2.08 4.73
C LEU A 273 -7.15 1.60 5.42
N VAL A 274 -7.02 0.82 6.49
CA VAL A 274 -8.23 0.35 7.16
C VAL A 274 -9.01 1.50 7.78
N ARG A 275 -8.34 2.62 8.06
CA ARG A 275 -9.01 3.77 8.66
C ARG A 275 -9.79 4.59 7.63
N LEU A 276 -9.55 4.37 6.34
CA LEU A 276 -10.29 5.06 5.28
C LEU A 276 -11.63 4.35 5.07
N GLY A 277 -12.72 5.00 5.46
CA GLY A 277 -14.04 4.43 5.31
C GLY A 277 -14.50 3.60 6.49
N TRP A 278 -13.65 3.40 7.50
CA TRP A 278 -14.00 2.62 8.68
C TRP A 278 -13.48 3.33 9.93
N SER A 279 -14.29 3.32 10.98
CA SER A 279 -13.92 3.96 12.24
C SER A 279 -14.51 3.16 13.40
N TYR A 280 -13.70 2.97 14.44
CA TYR A 280 -14.16 2.23 15.61
C TYR A 280 -14.74 3.19 16.64
N GLN A 281 -13.95 3.53 17.67
CA GLN A 281 -14.41 4.40 18.75
C GLN A 281 -13.37 5.51 18.93
N ASP A 282 -13.27 6.37 17.92
CA ASP A 282 -12.37 7.53 17.94
C ASP A 282 -10.90 7.13 18.08
N LYS A 283 -10.57 5.88 17.74
CA LYS A 283 -9.20 5.41 17.83
C LYS A 283 -8.54 5.47 16.46
N GLU A 284 -7.24 5.77 16.46
CA GLU A 284 -6.47 5.92 15.23
C GLU A 284 -5.44 4.81 15.01
N ILE A 285 -4.76 4.37 16.06
CA ILE A 285 -3.72 3.34 15.95
C ILE A 285 -4.33 2.00 16.33
N PHE A 286 -4.13 0.99 15.49
CA PHE A 286 -4.67 -0.34 15.73
C PHE A 286 -3.59 -1.38 15.47
N SER A 287 -3.54 -2.39 16.32
CA SER A 287 -2.69 -3.53 16.08
C SER A 287 -3.44 -4.57 15.25
N MET A 288 -2.69 -5.54 14.73
CA MET A 288 -3.32 -6.59 13.93
C MET A 288 -4.27 -7.42 14.78
N GLN A 289 -3.92 -7.66 16.05
CA GLN A 289 -4.80 -8.43 16.92
C GLN A 289 -6.03 -7.62 17.35
N GLU A 290 -5.88 -6.30 17.44
CA GLU A 290 -7.03 -5.46 17.79
C GLU A 290 -8.03 -5.39 16.65
N LEU A 291 -7.55 -5.22 15.41
CA LEU A 291 -8.47 -5.20 14.27
C LEU A 291 -9.22 -6.51 14.16
N LEU A 292 -8.51 -7.64 14.29
CA LEU A 292 -9.12 -8.96 14.19
C LEU A 292 -10.17 -9.18 15.27
N GLU A 293 -10.12 -8.43 16.36
CA GLU A 293 -11.05 -8.59 17.47
C GLU A 293 -12.07 -7.47 17.58
N CYS A 294 -12.04 -6.49 16.68
CA CYS A 294 -13.09 -5.46 16.73
C CYS A 294 -13.54 -4.98 15.36
N PHE A 295 -13.10 -5.56 14.26
CA PHE A 295 -13.58 -5.14 12.95
C PHE A 295 -14.97 -5.70 12.68
N ASP A 296 -15.86 -4.85 12.17
CA ASP A 296 -17.23 -5.23 11.84
C ASP A 296 -17.69 -4.49 10.58
N PRO A 297 -18.05 -5.19 9.51
CA PRO A 297 -18.49 -4.49 8.29
C PRO A 297 -19.73 -3.64 8.47
N LYS A 298 -20.46 -3.78 9.58
CA LYS A 298 -21.55 -2.86 9.84
C LYS A 298 -21.05 -1.45 10.16
N ASP A 299 -19.78 -1.30 10.51
CA ASP A 299 -19.20 0.00 10.83
C ASP A 299 -18.55 0.68 9.62
N LEU A 300 -18.77 0.16 8.42
CA LEU A 300 -18.20 0.78 7.22
C LEU A 300 -18.94 2.09 6.96
N ASN A 301 -18.19 3.19 6.91
CA ASN A 301 -18.83 4.49 6.78
C ASN A 301 -19.30 4.69 5.34
N SER A 302 -20.52 5.21 5.20
CA SER A 302 -21.01 5.55 3.87
C SER A 302 -20.53 6.92 3.40
N SER A 303 -19.75 7.62 4.21
CA SER A 303 -19.13 8.88 3.82
C SER A 303 -17.75 8.63 3.25
N PRO A 304 -17.40 9.23 2.11
CA PRO A 304 -16.07 9.00 1.54
C PRO A 304 -14.98 9.61 2.41
N SER A 305 -13.85 8.92 2.47
CA SER A 305 -12.69 9.39 3.20
CA SER A 305 -12.70 9.39 3.20
C SER A 305 -11.63 9.93 2.25
N CYS A 306 -10.78 10.80 2.77
CA CYS A 306 -9.73 11.44 1.97
C CYS A 306 -8.37 10.88 2.34
N PHE A 307 -7.50 10.80 1.32
CA PHE A 307 -6.12 10.36 1.50
C PHE A 307 -5.29 11.50 2.06
N SER A 308 -4.68 11.29 3.24
CA SER A 308 -3.95 12.32 3.95
C SER A 308 -2.50 11.90 4.15
N TRP A 309 -1.57 12.62 3.52
CA TRP A 309 -0.16 12.33 3.73
C TRP A 309 0.26 12.56 5.17
N HIS A 310 -0.31 13.57 5.83
CA HIS A 310 0.04 13.81 7.23
C HIS A 310 -0.39 12.65 8.10
N LYS A 311 -1.60 12.12 7.87
CA LYS A 311 -2.07 10.99 8.69
C LYS A 311 -1.21 9.75 8.47
N LEU A 312 -0.82 9.48 7.22
CA LEU A 312 -0.01 8.30 6.96
C LEU A 312 1.38 8.43 7.57
N ASN A 313 1.99 9.59 7.43
CA ASN A 313 3.29 9.83 8.08
C ASN A 313 3.18 9.81 9.59
N TRP A 314 2.07 10.32 10.15
CA TRP A 314 1.89 10.28 11.60
C TRP A 314 1.80 8.85 12.10
N LEU A 315 1.10 7.98 11.37
CA LEU A 315 1.08 6.57 11.72
C LEU A 315 2.45 5.94 11.51
N ASN A 316 3.09 6.23 10.37
CA ASN A 316 4.37 5.59 10.08
C ASN A 316 5.46 6.05 11.02
N ALA A 317 5.41 7.30 11.47
CA ALA A 317 6.32 7.75 12.51
C ALA A 317 6.10 6.96 13.80
N HIS A 318 4.86 6.60 14.10
CA HIS A 318 4.57 5.89 15.35
C HIS A 318 5.12 4.47 15.31
N TYR A 319 4.76 3.70 14.27
CA TYR A 319 5.26 2.33 14.18
C TYR A 319 6.78 2.30 14.06
N LEU A 320 7.37 3.30 13.39
CA LEU A 320 8.82 3.34 13.28
C LEU A 320 9.48 3.59 14.62
N LYS A 321 8.86 4.45 15.45
CA LYS A 321 9.40 4.74 16.78
C LYS A 321 9.17 3.59 17.76
N ASN A 322 8.18 2.75 17.51
CA ASN A 322 7.89 1.61 18.39
C ASN A 322 8.64 0.35 17.98
N GLN A 323 9.60 0.47 17.05
CA GLN A 323 10.41 -0.68 16.68
C GLN A 323 11.58 -0.85 17.65
N SER A 324 12.32 -1.93 17.46
CA SER A 324 13.47 -2.22 18.28
C SER A 324 14.72 -1.68 17.61
N ALA A 325 15.88 -2.13 18.09
CA ALA A 325 17.15 -1.67 17.52
C ALA A 325 17.70 -2.62 16.47
N GLN A 326 17.63 -3.93 16.73
CA GLN A 326 18.09 -4.90 15.76
C GLN A 326 17.19 -4.91 14.53
N LYS A 327 15.87 -4.79 14.72
CA LYS A 327 14.95 -4.78 13.58
C LYS A 327 15.17 -3.54 12.72
N LEU A 328 15.45 -2.39 13.34
CA LEU A 328 15.71 -1.18 12.58
C LEU A 328 16.98 -1.33 11.73
N LEU A 329 17.98 -2.04 12.24
CA LEU A 329 19.19 -2.26 11.45
C LEU A 329 18.88 -3.06 10.19
N GLU A 330 17.99 -4.04 10.29
CA GLU A 330 17.62 -4.83 9.11
C GLU A 330 16.68 -4.06 8.19
N LEU A 331 15.82 -3.20 8.75
CA LEU A 331 14.95 -2.37 7.93
C LEU A 331 15.72 -1.27 7.21
N LEU A 332 16.74 -0.70 7.86
CA LEU A 332 17.48 0.40 7.28
C LEU A 332 18.57 -0.05 6.31
N LYS A 333 18.77 -1.36 6.12
CA LYS A 333 19.86 -1.82 5.27
C LYS A 333 19.67 -1.43 3.81
N PRO A 334 18.51 -1.62 3.18
CA PRO A 334 18.37 -1.23 1.77
C PRO A 334 18.32 0.28 1.55
N PHE A 335 18.31 1.09 2.60
CA PHE A 335 18.18 2.54 2.47
C PHE A 335 19.42 3.31 2.89
N SER A 336 20.30 2.73 3.72
CA SER A 336 21.45 3.43 4.25
C SER A 336 22.71 3.06 3.48
N PHE A 337 23.46 4.07 3.03
CA PHE A 337 24.71 3.85 2.33
C PHE A 337 25.86 3.48 3.27
N SER A 338 25.64 3.51 4.58
CA SER A 338 26.67 3.22 5.56
C SER A 338 26.38 1.89 6.23
N ASP A 339 27.40 1.04 6.33
CA ASP A 339 27.28 -0.24 7.02
C ASP A 339 27.44 -0.04 8.52
N LEU A 340 26.62 -0.75 9.29
CA LEU A 340 26.56 -0.56 10.74
C LEU A 340 27.43 -1.61 11.43
N SER A 341 28.65 -1.22 11.78
CA SER A 341 29.57 -2.04 12.54
C SER A 341 29.91 -1.39 13.89
N HIS A 342 28.97 -0.61 14.42
CA HIS A 342 29.14 0.10 15.67
C HIS A 342 28.71 -0.76 16.86
N LEU A 343 29.09 -0.31 18.06
CA LEU A 343 28.76 -1.02 19.28
C LEU A 343 27.30 -0.76 19.66
N ASN A 344 26.83 -1.46 20.70
CA ASN A 344 25.46 -1.27 21.16
C ASN A 344 25.17 0.17 21.59
N PRO A 345 26.04 0.85 22.37
CA PRO A 345 25.77 2.26 22.64
C PRO A 345 26.09 3.19 21.48
N ALA A 346 27.01 2.81 20.60
CA ALA A 346 27.42 3.65 19.50
C ALA A 346 26.63 3.32 18.23
N ASP A 349 23.39 2.51 19.71
CA ASP A 349 21.95 2.79 19.67
C ASP A 349 21.69 4.27 19.91
N ARG A 350 22.73 4.98 20.34
CA ARG A 350 22.59 6.42 20.56
C ARG A 350 22.34 7.16 19.25
N LEU A 351 22.79 6.63 18.12
CA LEU A 351 22.52 7.26 16.83
C LEU A 351 21.02 7.29 16.54
N LEU A 352 20.32 6.20 16.84
CA LEU A 352 18.89 6.14 16.57
C LEU A 352 18.06 6.94 17.56
N ASP A 353 18.58 7.20 18.76
CA ASP A 353 17.81 7.93 19.76
C ASP A 353 17.49 9.34 19.28
N ALA A 354 18.45 10.01 18.63
CA ALA A 354 18.25 11.39 18.21
C ALA A 354 17.52 11.52 16.88
N LEU A 355 17.60 10.51 16.01
CA LEU A 355 17.01 10.60 14.69
C LEU A 355 15.64 9.93 14.59
N LYS A 356 15.30 9.06 15.54
CA LYS A 356 14.03 8.35 15.49
C LYS A 356 12.85 9.31 15.63
N GLU A 357 12.95 10.27 16.55
CA GLU A 357 11.84 11.18 16.80
C GLU A 357 11.66 12.18 15.66
N ARG A 358 12.73 12.49 14.94
CA ARG A 358 12.68 13.50 13.88
C ARG A 358 12.54 12.90 12.48
N SER A 359 12.27 11.60 12.39
CA SER A 359 12.11 10.91 11.11
C SER A 359 10.73 10.28 11.02
N GLN A 360 10.21 10.21 9.79
CA GLN A 360 8.89 9.66 9.52
C GLN A 360 8.90 8.43 8.63
N THR A 361 9.95 8.21 7.85
CA THR A 361 10.07 7.05 6.99
C THR A 361 11.47 6.46 7.14
N LEU A 362 11.64 5.24 6.64
CA LEU A 362 12.97 4.65 6.60
C LEU A 362 13.90 5.43 5.67
N LYS A 363 13.36 6.05 4.62
CA LYS A 363 14.21 6.81 3.72
C LYS A 363 14.76 8.06 4.41
N GLU A 364 13.92 8.76 5.17
CA GLU A 364 14.36 9.95 5.89
C GLU A 364 15.30 9.59 7.04
N LEU A 365 15.01 8.48 7.72
CA LEU A 365 15.88 8.04 8.81
C LEU A 365 17.27 7.67 8.30
N ALA A 366 17.34 6.85 7.25
CA ALA A 366 18.64 6.44 6.74
C ALA A 366 19.45 7.62 6.21
N LEU A 367 18.78 8.60 5.60
CA LEU A 367 19.50 9.77 5.08
C LEU A 367 20.15 10.56 6.21
N LYS A 368 19.42 10.75 7.32
CA LYS A 368 20.00 11.42 8.46
C LYS A 368 21.13 10.60 9.08
N ILE A 369 21.02 9.28 9.01
CA ILE A 369 22.10 8.43 9.50
C ILE A 369 23.34 8.59 8.63
N ASP A 370 23.16 8.60 7.31
CA ASP A 370 24.28 8.81 6.40
C ASP A 370 24.94 10.17 6.62
N GLU A 371 24.17 11.15 7.10
CA GLU A 371 24.73 12.47 7.40
C GLU A 371 25.70 12.46 8.57
N VAL A 372 25.73 11.38 9.34
CA VAL A 372 26.60 11.25 10.51
C VAL A 372 27.73 10.26 10.24
N LEU A 373 27.40 9.08 9.70
CA LEU A 373 28.40 8.02 9.54
C LEU A 373 29.30 8.27 8.34
N ILE A 374 28.77 8.83 7.26
CA ILE A 374 29.57 9.11 6.08
C ILE A 374 30.31 10.43 6.27
N ALA A 375 31.61 10.42 6.04
CA ALA A 375 32.44 11.59 6.27
C ALA A 375 32.12 12.69 5.25
N PRO A 376 32.18 13.95 5.65
CA PRO A 376 31.85 15.04 4.71
C PRO A 376 32.89 15.18 3.62
N VAL A 377 32.42 15.37 2.39
CA VAL A 377 33.32 15.59 1.28
C VAL A 377 33.51 17.08 1.00
N GLU A 378 32.53 17.90 1.40
CA GLU A 378 32.56 19.34 1.21
C GLU A 378 32.09 20.02 2.49
N TYR A 379 32.20 21.34 2.54
CA TYR A 379 31.81 22.13 3.70
C TYR A 379 30.90 23.26 3.27
N GLU A 380 29.85 23.49 4.07
CA GLU A 380 28.85 24.51 3.75
C GLU A 380 29.48 25.90 3.69
N GLU A 381 29.51 26.49 2.49
CA GLU A 381 30.16 27.79 2.34
C GLU A 381 29.35 28.91 2.98
N LYS A 382 28.08 28.68 3.29
CA LYS A 382 27.26 29.71 3.95
C LYS A 382 27.81 30.04 5.33
N VAL A 383 28.33 29.05 6.04
CA VAL A 383 28.91 29.28 7.35
C VAL A 383 30.45 29.24 7.33
N PHE A 384 31.06 28.66 6.30
CA PHE A 384 32.52 28.58 6.26
C PHE A 384 33.15 29.90 5.85
N LYS A 385 32.53 30.60 4.88
CA LYS A 385 33.07 31.87 4.41
C LYS A 385 32.99 32.94 5.49
N LYS A 386 32.04 32.82 6.41
CA LYS A 386 31.86 33.79 7.50
C LYS A 386 32.49 33.25 8.78
N LEU A 387 33.78 32.93 8.69
CA LEU A 387 34.51 32.39 9.83
C LEU A 387 35.95 32.90 9.78
N ASN A 388 36.47 33.29 10.94
CA ASN A 388 37.83 33.80 11.05
C ASN A 388 38.81 32.62 10.96
N GLN A 389 39.44 32.45 9.80
CA GLN A 389 40.30 31.28 9.61
C GLN A 389 41.53 31.33 10.51
N ALA A 390 41.97 32.53 10.91
CA ALA A 390 43.17 32.64 11.73
C ALA A 390 42.90 32.21 13.17
N LEU A 391 41.67 32.36 13.66
CA LEU A 391 41.33 31.96 15.02
C LEU A 391 40.69 30.59 15.12
N ILE A 392 39.99 30.14 14.08
CA ILE A 392 39.30 28.86 14.17
C ILE A 392 40.27 27.69 14.04
N MET A 393 41.36 27.86 13.28
CA MET A 393 42.26 26.73 13.04
C MET A 393 43.05 26.33 14.28
N PRO A 394 43.70 27.24 15.01
CA PRO A 394 44.40 26.80 16.24
C PRO A 394 43.45 26.40 17.35
N LEU A 395 42.21 26.88 17.36
CA LEU A 395 41.28 26.52 18.42
C LEU A 395 40.82 25.07 18.29
N LEU A 396 40.62 24.59 17.06
CA LEU A 396 40.26 23.19 16.89
C LEU A 396 41.40 22.27 17.30
N GLU A 397 42.64 22.71 17.13
CA GLU A 397 43.78 21.88 17.48
C GLU A 397 43.91 21.73 18.98
N LYS A 398 43.62 22.80 19.73
CA LYS A 398 43.67 22.72 21.19
C LYS A 398 42.62 21.75 21.72
N PHE A 399 41.47 21.65 21.04
CA PHE A 399 40.45 20.70 21.45
C PHE A 399 40.76 19.28 20.97
N LYS A 400 41.46 19.16 19.84
CA LYS A 400 41.79 17.83 19.33
C LYS A 400 42.64 17.06 20.32
N LEU A 401 43.65 17.71 20.91
CA LEU A 401 44.49 17.04 21.89
C LEU A 401 43.75 16.83 23.20
N GLU A 402 42.93 17.80 23.61
CA GLU A 402 42.18 17.68 24.86
C GLU A 402 41.22 16.50 24.81
N LEU A 403 40.61 16.25 23.64
CA LEU A 403 39.71 15.11 23.49
C LEU A 403 40.48 13.81 23.29
N LYS A 404 41.67 13.87 22.69
CA LYS A 404 42.42 12.65 22.43
C LYS A 404 42.80 11.94 23.72
N GLU A 405 42.99 12.68 24.82
CA GLU A 405 43.31 12.06 26.09
C GLU A 405 42.13 11.25 26.64
N ALA A 406 40.92 11.73 26.41
CA ALA A 406 39.71 11.04 26.84
C ALA A 406 39.24 10.06 25.76
N ASN A 407 38.26 9.23 26.13
CA ASN A 407 37.68 8.26 25.20
C ASN A 407 36.18 8.12 25.41
N PHE A 408 35.65 6.91 25.23
CA PHE A 408 34.23 6.65 25.42
C PHE A 408 33.82 6.83 26.89
N MET A 418 30.82 9.61 29.54
CA MET A 418 30.72 10.27 28.24
C MET A 418 30.61 11.78 28.42
N HIS A 419 31.42 12.31 29.32
CA HIS A 419 31.44 13.75 29.61
C HIS A 419 32.43 14.44 28.68
N LYS A 420 31.94 15.47 27.97
CA LYS A 420 32.74 16.23 27.03
C LYS A 420 33.52 17.33 27.75
N ILE A 421 34.25 18.13 26.98
CA ILE A 421 35.08 19.20 27.51
C ILE A 421 34.64 20.53 26.90
N ILE A 422 34.87 21.60 27.63
CA ILE A 422 34.51 22.95 27.18
C ILE A 422 35.76 23.82 27.15
N GLU A 423 35.90 24.61 26.09
CA GLU A 423 37.04 25.50 25.96
C GLU A 423 36.91 26.66 26.94
N GLU A 424 38.04 27.07 27.51
CA GLU A 424 38.09 28.08 28.57
C GLU A 424 38.79 29.35 28.11
N GLU A 425 38.86 29.61 26.80
CA GLU A 425 39.56 30.78 26.30
C GLU A 425 38.69 32.02 26.34
N LYS A 426 37.75 32.07 27.29
CA LYS A 426 36.91 33.23 27.53
C LYS A 426 36.16 33.67 26.27
N ILE A 427 35.57 32.70 25.58
CA ILE A 427 34.78 32.94 24.37
C ILE A 427 33.43 32.27 24.53
N LYS A 428 32.46 32.74 23.75
CA LYS A 428 31.15 32.12 23.75
C LYS A 428 31.21 30.72 23.17
N ALA A 429 30.18 29.93 23.47
CA ALA A 429 30.13 28.56 22.95
C ALA A 429 29.98 28.53 21.43
N GLY A 430 29.24 29.48 20.87
CA GLY A 430 29.02 29.49 19.44
C GLY A 430 30.31 29.67 18.64
N SER A 431 31.26 30.43 19.18
CA SER A 431 32.53 30.64 18.48
C SER A 431 33.32 29.35 18.32
N PHE A 432 33.09 28.36 19.18
CA PHE A 432 33.75 27.08 19.10
C PHE A 432 32.86 25.98 18.52
N MET A 433 31.56 25.99 18.85
CA MET A 433 30.69 24.90 18.43
C MET A 433 30.40 24.94 16.94
N GLN A 434 30.29 26.14 16.36
CA GLN A 434 30.02 26.23 14.93
C GLN A 434 31.15 25.66 14.09
N PRO A 435 32.43 26.03 14.28
CA PRO A 435 33.48 25.39 13.48
C PRO A 435 33.59 23.90 13.71
N LEU A 436 33.45 23.45 14.97
CA LEU A 436 33.58 22.02 15.24
C LEU A 436 32.50 21.23 14.52
N ARG A 437 31.28 21.78 14.44
CA ARG A 437 30.22 21.12 13.70
C ARG A 437 30.55 21.01 12.22
N LEU A 438 31.13 22.06 11.63
CA LEU A 438 31.50 21.99 10.22
C LEU A 438 32.58 20.95 9.98
N ALA A 439 33.50 20.79 10.94
CA ALA A 439 34.55 19.78 10.79
C ALA A 439 34.01 18.37 10.91
N LEU A 440 33.00 18.17 11.77
CA LEU A 440 32.47 16.83 12.01
C LEU A 440 31.34 16.48 11.04
N LEU A 441 30.38 17.39 10.88
CA LEU A 441 29.17 17.12 10.11
C LEU A 441 29.08 17.92 8.82
N GLY A 442 29.76 19.06 8.72
CA GLY A 442 29.74 19.88 7.53
C GLY A 442 28.48 20.69 7.31
N LYS A 443 27.36 20.32 7.92
CA LYS A 443 26.10 21.03 7.73
C LYS A 443 25.93 22.06 8.85
N GLY A 444 24.75 22.68 8.92
CA GLY A 444 24.52 23.74 9.87
C GLY A 444 23.68 23.35 11.07
N GLY A 445 22.72 22.46 10.87
CA GLY A 445 21.82 22.07 11.95
C GLY A 445 21.53 20.59 12.01
N GLY A 446 22.50 19.80 12.46
CA GLY A 446 22.32 18.37 12.58
C GLY A 446 22.22 17.91 14.02
N ILE A 447 22.79 16.73 14.30
CA ILE A 447 22.74 16.19 15.66
C ILE A 447 23.68 17.00 16.56
N GLY A 448 23.46 16.85 17.87
CA GLY A 448 24.32 17.51 18.83
C GLY A 448 25.75 16.98 18.76
N LEU A 449 26.70 17.87 19.04
CA LEU A 449 28.11 17.49 18.97
C LEU A 449 28.51 16.51 20.06
N LYS A 450 27.76 16.44 21.16
CA LYS A 450 28.11 15.50 22.22
C LYS A 450 27.86 14.06 21.78
N GLU A 451 26.77 13.82 21.06
CA GLU A 451 26.45 12.46 20.64
C GLU A 451 27.25 12.06 19.40
N ALA A 452 27.51 13.02 18.50
CA ALA A 452 28.27 12.69 17.29
C ALA A 452 29.69 12.25 17.61
N LEU A 453 30.30 12.84 18.64
CA LEU A 453 31.64 12.44 19.04
C LEU A 453 31.67 11.01 19.58
N PHE A 454 30.60 10.56 20.23
CA PHE A 454 30.59 9.19 20.74
C PHE A 454 30.17 8.19 19.67
N ILE A 455 29.19 8.56 18.84
CA ILE A 455 28.76 7.70 17.75
C ILE A 455 29.91 7.42 16.79
N LEU A 456 30.60 8.48 16.36
CA LEU A 456 31.79 8.31 15.54
C LEU A 456 32.94 7.74 16.37
N GLY A 457 33.86 7.07 15.68
CA GLY A 457 35.04 6.57 16.36
C GLY A 457 35.95 7.70 16.80
N LYS A 458 36.64 7.48 17.91
CA LYS A 458 37.59 8.49 18.38
C LYS A 458 38.70 8.72 17.37
N THR A 459 39.03 7.71 16.56
CA THR A 459 39.96 7.92 15.46
C THR A 459 39.29 8.58 14.27
N GLU A 460 37.99 8.31 14.07
CA GLU A 460 37.27 8.92 12.96
C GLU A 460 37.01 10.41 13.23
N SER A 461 36.75 10.76 14.48
CA SER A 461 36.54 12.16 14.82
C SER A 461 37.80 12.99 14.55
N VAL A 462 38.96 12.46 14.93
CA VAL A 462 40.20 13.18 14.65
C VAL A 462 40.47 13.23 13.15
N LYS A 463 40.08 12.19 12.42
CA LYS A 463 40.30 12.19 10.98
C LYS A 463 39.45 13.24 10.27
N ARG A 464 38.28 13.55 10.82
CA ARG A 464 37.44 14.58 10.21
C ARG A 464 37.93 15.97 10.55
N ILE A 465 38.41 16.18 11.78
CA ILE A 465 38.97 17.47 12.15
C ILE A 465 40.24 17.76 11.38
N GLU A 466 41.08 16.74 11.17
CA GLU A 466 42.31 16.92 10.40
C GLU A 466 42.02 17.25 8.94
N ASN A 467 40.94 16.69 8.38
CA ASN A 467 40.56 17.02 7.01
C ASN A 467 40.07 18.45 6.90
N PHE A 468 39.45 18.98 7.96
CA PHE A 468 39.01 20.36 7.94
C PHE A 468 40.19 21.32 7.95
N LEU A 469 41.28 20.95 8.63
CA LEU A 469 42.46 21.81 8.71
C LEU A 469 43.28 21.80 7.43
N LYS A 470 43.12 20.80 6.58
CA LYS A 470 43.88 20.73 5.33
C LYS A 470 43.33 21.69 4.28
C1 EDO B . -20.35 -6.82 -20.27
O1 EDO B . -19.10 -7.24 -19.69
C2 EDO B . -20.18 -6.63 -21.77
O2 EDO B . -21.44 -6.32 -22.38
#